data_2WJR
#
_entry.id   2WJR
#
_cell.length_a   74.901
_cell.length_b   74.901
_cell.length_c   126.410
_cell.angle_alpha   90.00
_cell.angle_beta   90.00
_cell.angle_gamma   120.00
#
_symmetry.space_group_name_H-M   'H 3'
#
loop_
_entity.id
_entity.type
_entity.pdbx_description
1 polymer 'PROBABLE N-ACETYLNEURAMINIC ACID OUTER MEMBRANE CHANNEL PROTEIN NANC'
2 non-polymer '4-(2-HYDROXYETHYL)-1-PIPERAZINE ETHANESULFONIC ACID'
3 non-polymer 'PHOSPHATE ION'
4 non-polymer N-OCTANE
5 water water
#
_entity_poly.entity_id   1
_entity_poly.type   'polypeptide(L)'
_entity_poly.pdbx_seq_one_letter_code
;ALDVRGGYRSGSHAYETRLKVSEGWQNGWWASMESNTWNTIHDNKKENAALNDVQVEVNYAIKLDDQWTVRPGMLTHFSS
NGTRYGPYVKLSWDATKDLNFGIRYRYDWKAYRQQDLSGDMSRDNVHRWDGYVTYHINSDFTFAWQTTLYSKQNDYRYAN
HKKWATENAFVLQYHMTPDITPYIEYDYLDRQGVYNGRDNLSENSYRIGVSFKL
;
_entity_poly.pdbx_strand_id   A
#
# COMPACT_ATOMS: atom_id res chain seq x y z
N ALA A 1 -12.14 -2.91 11.80
CA ALA A 1 -10.90 -3.58 12.26
C ALA A 1 -9.86 -2.52 12.53
N LEU A 2 -9.00 -2.78 13.51
CA LEU A 2 -7.94 -1.88 13.87
C LEU A 2 -6.67 -2.63 13.61
N ASP A 3 -5.75 -2.00 12.90
CA ASP A 3 -4.46 -2.62 12.59
C ASP A 3 -3.36 -1.71 13.13
N VAL A 4 -2.38 -2.30 13.81
CA VAL A 4 -1.22 -1.61 14.35
C VAL A 4 0.00 -2.31 13.80
N ARG A 5 0.94 -1.58 13.23
CA ARG A 5 2.08 -2.21 12.56
C ARG A 5 3.33 -1.42 12.81
N GLY A 6 4.40 -2.11 13.13
CA GLY A 6 5.73 -1.49 13.26
C GLY A 6 6.65 -2.07 12.20
N GLY A 7 7.51 -1.24 11.65
CA GLY A 7 8.41 -1.69 10.58
C GLY A 7 9.79 -1.07 10.62
N TYR A 8 10.77 -1.83 10.17
CA TYR A 8 12.14 -1.35 10.01
C TYR A 8 12.55 -1.39 8.54
N ARG A 9 13.10 -0.28 8.04
CA ARG A 9 13.63 -0.20 6.70
C ARG A 9 15.16 -0.12 6.71
N SER A 10 15.79 -1.08 6.02
CA SER A 10 17.23 -1.36 6.12
C SER A 10 18.12 -0.37 5.37
N GLY A 11 17.62 0.13 4.24
CA GLY A 11 18.36 1.10 3.42
C GLY A 11 18.23 2.51 3.96
N SER A 12 17.00 2.87 4.29
CA SER A 12 16.72 4.17 4.91
C SER A 12 17.14 4.20 6.38
N HIS A 13 17.41 3.04 6.96
CA HIS A 13 17.74 2.96 8.39
C HIS A 13 16.70 3.73 9.19
N ALA A 14 15.43 3.32 9.02
CA ALA A 14 14.31 4.07 9.58
C ALA A 14 13.22 3.13 10.09
N TYR A 15 12.50 3.60 11.11
CA TYR A 15 11.35 2.89 11.67
C TYR A 15 10.07 3.60 11.27
N GLU A 16 9.05 2.81 10.94
CA GLU A 16 7.73 3.35 10.65
C GLU A 16 6.64 2.61 11.40
N THR A 17 5.63 3.35 11.82
CA THR A 17 4.46 2.77 12.47
C THR A 17 3.22 3.17 11.71
N ARG A 18 2.33 2.21 11.54
CA ARG A 18 1.07 2.44 10.91
C ARG A 18 -0.03 2.10 11.90
N LEU A 19 -0.99 2.98 11.98
CA LEU A 19 -2.21 2.75 12.73
C LEU A 19 -3.33 2.88 11.75
N LYS A 20 -4.15 1.85 11.62
CA LYS A 20 -5.12 1.80 10.54
C LYS A 20 -6.47 1.29 11.01
N VAL A 21 -7.53 1.98 10.62
CA VAL A 21 -8.87 1.53 10.95
C VAL A 21 -9.64 1.37 9.66
N SER A 22 -10.20 0.19 9.47
CA SER A 22 -10.94 -0.09 8.25
C SER A 22 -12.25 -0.85 8.51
N GLU A 23 -13.21 -0.65 7.63
CA GLU A 23 -14.55 -1.24 7.79
C GLU A 23 -15.26 -1.40 6.46
N GLY A 24 -15.82 -2.59 6.23
CA GLY A 24 -16.75 -2.83 5.13
C GLY A 24 -18.20 -2.73 5.64
N TRP A 25 -19.03 -2.06 4.87
CA TRP A 25 -20.48 -2.01 5.13
C TRP A 25 -21.24 -3.00 4.26
N GLN A 26 -22.42 -3.41 4.73
CA GLN A 26 -23.24 -4.37 4.00
C GLN A 26 -23.79 -3.83 2.70
N ASN A 27 -23.92 -2.52 2.60
CA ASN A 27 -24.36 -1.93 1.34
C ASN A 27 -23.28 -1.88 0.25
N GLY A 28 -22.07 -2.36 0.58
CA GLY A 28 -20.96 -2.43 -0.41
C GLY A 28 -19.84 -1.41 -0.21
N TRP A 29 -20.13 -0.33 0.51
CA TRP A 29 -19.12 0.68 0.79
C TRP A 29 -18.04 0.12 1.69
N TRP A 30 -16.79 0.56 1.45
CA TRP A 30 -15.66 0.19 2.28
C TRP A 30 -14.78 1.42 2.46
N ALA A 31 -14.22 1.59 3.65
CA ALA A 31 -13.33 2.71 3.93
C ALA A 31 -12.25 2.37 4.96
N SER A 32 -11.18 3.14 4.88
CA SER A 32 -10.04 2.98 5.75
C SER A 32 -9.42 4.36 5.98
N MET A 33 -8.94 4.57 7.19
CA MET A 33 -8.13 5.73 7.52
C MET A 33 -6.88 5.19 8.20
N GLU A 34 -5.72 5.74 7.85
CA GLU A 34 -4.49 5.37 8.51
C GLU A 34 -3.55 6.55 8.70
N SER A 35 -2.70 6.43 9.71
CA SER A 35 -1.56 7.32 9.88
C SER A 35 -0.28 6.48 9.75
N ASN A 36 0.74 7.04 9.11
CA ASN A 36 2.06 6.47 9.06
C ASN A 36 3.07 7.47 9.64
N THR A 37 3.88 7.00 10.58
CA THR A 37 4.96 7.80 11.16
C THR A 37 6.27 7.31 10.58
N TRP A 38 7.28 8.18 10.61
CA TRP A 38 8.58 7.88 10.05
C TRP A 38 9.64 8.43 11.01
N ASN A 39 10.43 7.54 11.60
CA ASN A 39 11.51 7.92 12.52
C ASN A 39 12.84 7.39 12.04
N THR A 40 13.61 8.28 11.40
CA THR A 40 14.96 7.95 10.98
C THR A 40 15.85 7.84 12.22
N ILE A 41 16.81 6.91 12.19
CA ILE A 41 17.77 6.78 13.29
C ILE A 41 19.10 7.49 12.93
N ASN A 52 5.87 11.59 7.38
CA ASN A 52 4.60 11.34 8.05
C ASN A 52 3.46 11.59 7.05
N ASP A 53 2.43 10.74 7.13
CA ASP A 53 1.28 10.85 6.26
C ASP A 53 0.01 10.37 6.94
N VAL A 54 -1.12 10.86 6.41
CA VAL A 54 -2.43 10.34 6.72
C VAL A 54 -3.07 9.98 5.42
N GLN A 55 -3.67 8.80 5.37
CA GLN A 55 -4.31 8.32 4.16
C GLN A 55 -5.74 7.88 4.45
N VAL A 56 -6.63 8.30 3.57
CA VAL A 56 -8.03 7.93 3.60
C VAL A 56 -8.39 7.21 2.29
N GLU A 57 -8.90 5.98 2.42
CA GLU A 57 -9.29 5.18 1.27
C GLU A 57 -10.78 4.86 1.33
N VAL A 58 -11.45 4.99 0.19
CA VAL A 58 -12.86 4.64 0.06
CA VAL A 58 -12.87 4.66 0.05
C VAL A 58 -13.11 3.93 -1.28
N ASN A 59 -13.85 2.83 -1.23
CA ASN A 59 -14.26 2.18 -2.45
C ASN A 59 -15.66 1.60 -2.26
N TYR A 60 -16.25 1.19 -3.37
CA TYR A 60 -17.58 0.58 -3.35
C TYR A 60 -17.52 -0.76 -4.05
N ALA A 61 -17.97 -1.81 -3.37
CA ALA A 61 -17.89 -3.17 -3.89
C ALA A 61 -19.11 -3.49 -4.76
N ILE A 62 -18.89 -3.61 -6.06
CA ILE A 62 -19.90 -4.05 -7.03
C ILE A 62 -19.82 -5.58 -7.17
N LYS A 63 -20.87 -6.29 -6.74
CA LYS A 63 -20.85 -7.76 -6.82
C LYS A 63 -21.21 -8.16 -8.24
N LEU A 64 -20.26 -8.77 -8.95
CA LEU A 64 -20.57 -9.25 -10.29
C LEU A 64 -21.26 -10.61 -10.19
N ASP A 65 -20.76 -11.47 -9.31
CA ASP A 65 -21.41 -12.70 -8.91
C ASP A 65 -20.88 -13.06 -7.51
N ASP A 66 -20.99 -14.32 -7.10
CA ASP A 66 -20.55 -14.69 -5.75
C ASP A 66 -19.03 -14.71 -5.58
N GLN A 67 -18.30 -14.70 -6.69
CA GLN A 67 -16.84 -14.78 -6.69
C GLN A 67 -16.13 -13.49 -7.13
N TRP A 68 -16.79 -12.69 -7.99
CA TRP A 68 -16.18 -11.52 -8.64
C TRP A 68 -16.72 -10.20 -8.10
N THR A 69 -15.81 -9.28 -7.75
CA THR A 69 -16.15 -7.94 -7.27
C THR A 69 -15.28 -6.89 -8.00
N VAL A 70 -15.90 -5.78 -8.39
CA VAL A 70 -15.19 -4.63 -8.96
C VAL A 70 -15.36 -3.50 -7.95
N ARG A 71 -14.23 -2.89 -7.58
CA ARG A 71 -14.23 -1.79 -6.61
C ARG A 71 -13.64 -0.49 -7.19
N PRO A 72 -14.50 0.40 -7.70
CA PRO A 72 -14.06 1.77 -7.95
C PRO A 72 -13.80 2.43 -6.63
N GLY A 73 -12.72 3.20 -6.55
CA GLY A 73 -12.30 3.75 -5.29
C GLY A 73 -11.36 4.92 -5.46
N MET A 74 -10.99 5.49 -4.32
CA MET A 74 -9.95 6.49 -4.28
C MET A 74 -9.18 6.44 -2.99
N LEU A 75 -7.86 6.58 -3.11
CA LEU A 75 -6.97 6.76 -1.99
C LEU A 75 -6.54 8.22 -1.99
N THR A 76 -6.80 8.90 -0.89
CA THR A 76 -6.38 10.29 -0.73
C THR A 76 -5.27 10.30 0.30
N HIS A 77 -4.16 10.94 -0.05
CA HIS A 77 -2.95 10.88 0.75
C HIS A 77 -2.60 12.33 1.17
N PHE A 78 -2.47 12.55 2.47
CA PHE A 78 -2.17 13.88 3.05
C PHE A 78 -0.78 13.84 3.61
N SER A 79 0.06 14.80 3.22
CA SER A 79 1.39 14.96 3.79
C SER A 79 1.69 16.45 3.96
N SER A 80 2.87 16.77 4.46
CA SER A 80 3.30 18.18 4.63
C SER A 80 3.47 18.89 3.28
N ASN A 81 3.75 18.13 2.21
CA ASN A 81 3.76 18.70 0.86
C ASN A 81 2.37 19.05 0.36
N GLY A 82 1.34 18.36 0.86
CA GLY A 82 -0.04 18.60 0.42
C GLY A 82 -0.85 17.32 0.18
N THR A 83 -1.82 17.40 -0.73
CA THR A 83 -2.78 16.32 -0.95
C THR A 83 -2.54 15.64 -2.29
N ARG A 84 -2.64 14.31 -2.28
CA ARG A 84 -2.47 13.51 -3.47
C ARG A 84 -3.71 12.63 -3.63
N TYR A 85 -4.32 12.66 -4.80
CA TYR A 85 -5.59 11.95 -5.05
C TYR A 85 -5.33 10.74 -5.95
N GLY A 86 -5.81 9.57 -5.52
CA GLY A 86 -5.54 8.32 -6.22
C GLY A 86 -6.78 7.53 -6.59
N PRO A 87 -7.53 8.00 -7.60
CA PRO A 87 -8.67 7.23 -8.06
C PRO A 87 -8.18 5.89 -8.61
N TYR A 88 -8.98 4.84 -8.40
CA TYR A 88 -8.57 3.52 -8.83
C TYR A 88 -9.73 2.61 -9.17
N VAL A 89 -9.41 1.49 -9.83
CA VAL A 89 -10.34 0.37 -9.92
C VAL A 89 -9.64 -0.90 -9.53
N LYS A 90 -10.26 -1.66 -8.62
CA LYS A 90 -9.74 -2.93 -8.19
C LYS A 90 -10.68 -4.04 -8.64
N LEU A 91 -10.13 -5.10 -9.22
CA LEU A 91 -10.89 -6.29 -9.56
C LEU A 91 -10.46 -7.42 -8.64
N SER A 92 -11.43 -8.11 -8.04
CA SER A 92 -11.19 -9.13 -7.07
C SER A 92 -11.91 -10.43 -7.46
N TRP A 93 -11.20 -11.55 -7.36
CA TRP A 93 -11.78 -12.86 -7.65
C TRP A 93 -11.51 -13.85 -6.52
N ASP A 94 -12.57 -14.29 -5.84
CA ASP A 94 -12.43 -15.43 -4.92
C ASP A 94 -12.48 -16.71 -5.70
N ALA A 95 -11.32 -17.15 -6.17
CA ALA A 95 -11.20 -18.38 -6.96
C ALA A 95 -11.76 -19.57 -6.17
N THR A 96 -11.41 -19.64 -4.90
CA THR A 96 -11.99 -20.62 -3.98
C THR A 96 -12.15 -19.92 -2.64
N LYS A 97 -12.83 -20.58 -1.71
CA LYS A 97 -13.00 -20.00 -0.37
C LYS A 97 -11.66 -19.67 0.31
N ASP A 98 -10.59 -20.33 -0.13
CA ASP A 98 -9.26 -20.16 0.44
C ASP A 98 -8.24 -19.42 -0.44
N LEU A 99 -8.66 -18.99 -1.64
CA LEU A 99 -7.74 -18.36 -2.59
C LEU A 99 -8.40 -17.18 -3.28
N ASN A 100 -7.84 -15.99 -3.05
CA ASN A 100 -8.32 -14.76 -3.63
C ASN A 100 -7.24 -14.07 -4.46
N PHE A 101 -7.63 -13.56 -5.62
CA PHE A 101 -6.74 -12.83 -6.51
C PHE A 101 -7.28 -11.44 -6.68
N GLY A 102 -6.39 -10.48 -6.88
CA GLY A 102 -6.79 -9.10 -6.98
C GLY A 102 -5.84 -8.35 -7.88
N ILE A 103 -6.38 -7.39 -8.62
CA ILE A 103 -5.55 -6.47 -9.42
C ILE A 103 -6.14 -5.07 -9.35
N ARG A 104 -5.27 -4.07 -9.24
CA ARG A 104 -5.70 -2.70 -9.14
C ARG A 104 -4.81 -1.80 -10.00
N TYR A 105 -5.46 -0.87 -10.67
CA TYR A 105 -4.78 0.25 -11.27
C TYR A 105 -5.23 1.51 -10.58
N ARG A 106 -4.26 2.31 -10.16
CA ARG A 106 -4.49 3.59 -9.48
C ARG A 106 -3.64 4.68 -10.14
N TYR A 107 -4.24 5.84 -10.34
CA TYR A 107 -3.57 7.05 -10.83
C TYR A 107 -3.44 8.06 -9.70
N ASP A 108 -2.20 8.25 -9.23
CA ASP A 108 -1.89 9.15 -8.15
C ASP A 108 -1.54 10.53 -8.72
N TRP A 109 -2.42 11.47 -8.45
CA TRP A 109 -2.34 12.82 -9.00
C TRP A 109 -2.05 13.76 -7.84
N LYS A 110 -0.96 14.53 -7.92
CA LYS A 110 -0.61 15.46 -6.85
C LYS A 110 -1.25 16.81 -7.06
N ALA A 111 -1.92 17.30 -6.02
CA ALA A 111 -2.61 18.59 -6.05
C ALA A 111 -1.62 19.74 -5.84
N TYR A 112 -0.34 19.44 -5.82
CA TYR A 112 0.70 20.43 -5.62
C TYR A 112 1.83 20.18 -6.61
N ARG A 113 2.49 21.26 -7.02
CA ARG A 113 3.55 21.20 -8.02
C ARG A 113 4.94 21.16 -7.37
N GLN A 114 5.86 20.44 -8.01
CA GLN A 114 7.18 20.22 -7.45
C GLN A 114 8.21 20.35 -8.56
N GLN A 115 9.41 20.74 -8.16
CA GLN A 115 10.51 20.86 -9.11
C GLN A 115 10.86 19.49 -9.71
N ASP A 116 10.83 19.44 -11.04
CA ASP A 116 11.20 18.22 -11.76
C ASP A 116 12.70 18.12 -12.04
N LEU A 117 13.09 17.05 -12.72
CA LEU A 117 14.52 16.76 -12.90
C LEU A 117 15.23 17.85 -13.74
N SER A 118 14.46 18.55 -14.57
CA SER A 118 15.00 19.61 -15.43
CA SER A 118 14.94 19.63 -15.45
C SER A 118 14.99 20.98 -14.72
N GLY A 119 14.51 21.01 -13.48
CA GLY A 119 14.40 22.23 -12.71
C GLY A 119 13.11 23.01 -12.92
N ASP A 120 12.22 22.47 -13.74
CA ASP A 120 10.93 23.13 -13.98
C ASP A 120 9.87 22.65 -13.00
N MET A 121 8.88 23.50 -12.78
CA MET A 121 7.80 23.16 -11.89
C MET A 121 6.75 22.35 -12.66
N SER A 122 6.44 21.17 -12.15
CA SER A 122 5.52 20.29 -12.84
C SER A 122 4.74 19.52 -11.78
N ARG A 123 4.14 18.40 -12.16
CA ARG A 123 3.33 17.60 -11.25
C ARG A 123 3.80 16.15 -11.31
N ASP A 124 4.13 15.60 -10.16
CA ASP A 124 4.73 14.30 -10.08
C ASP A 124 3.61 13.27 -9.91
N ASN A 125 2.94 13.04 -11.02
CA ASN A 125 1.81 12.10 -11.06
C ASN A 125 2.33 10.72 -11.39
N VAL A 126 1.62 9.70 -10.91
CA VAL A 126 2.12 8.36 -10.96
C VAL A 126 1.05 7.35 -11.42
N HIS A 127 1.46 6.41 -12.26
CA HIS A 127 0.62 5.27 -12.66
C HIS A 127 1.02 4.11 -11.81
N ARG A 128 0.08 3.51 -11.08
CA ARG A 128 0.40 2.46 -10.13
C ARG A 128 -0.50 1.21 -10.31
N TRP A 129 0.17 0.05 -10.37
CA TRP A 129 -0.50 -1.24 -10.46
C TRP A 129 -0.15 -2.06 -9.22
N ASP A 130 -1.17 -2.72 -8.65
CA ASP A 130 -0.94 -3.69 -7.59
C ASP A 130 -1.63 -5.00 -7.97
N GLY A 131 -0.93 -6.10 -7.72
CA GLY A 131 -1.46 -7.45 -7.83
C GLY A 131 -1.52 -8.05 -6.45
N TYR A 132 -2.52 -8.90 -6.19
CA TYR A 132 -2.76 -9.45 -4.86
C TYR A 132 -3.09 -10.94 -4.98
N VAL A 133 -2.50 -11.73 -4.09
CA VAL A 133 -2.90 -13.12 -3.90
C VAL A 133 -2.98 -13.39 -2.39
N THR A 134 -4.11 -13.92 -1.95
CA THR A 134 -4.30 -14.24 -0.53
C THR A 134 -4.68 -15.71 -0.47
N TYR A 135 -3.93 -16.47 0.33
CA TYR A 135 -4.09 -17.91 0.42
C TYR A 135 -4.22 -18.32 1.88
N HIS A 136 -5.43 -18.72 2.24
CA HIS A 136 -5.73 -19.27 3.56
C HIS A 136 -5.25 -20.71 3.54
N ILE A 137 -4.07 -20.92 4.12
CA ILE A 137 -3.36 -22.20 4.07
C ILE A 137 -4.10 -23.21 4.95
N ASN A 138 -4.38 -22.80 6.19
CA ASN A 138 -5.15 -23.63 7.12
C ASN A 138 -5.82 -22.73 8.16
N SER A 139 -6.42 -23.32 9.20
CA SER A 139 -7.14 -22.52 10.17
C SER A 139 -6.19 -21.55 10.89
N ASP A 140 -4.90 -21.86 10.98
CA ASP A 140 -3.98 -21.02 11.72
C ASP A 140 -3.37 -19.89 10.88
N PHE A 141 -3.14 -20.15 9.60
CA PHE A 141 -2.25 -19.27 8.79
C PHE A 141 -2.83 -18.85 7.46
N THR A 142 -2.60 -17.59 7.11
CA THR A 142 -2.93 -17.05 5.79
C THR A 142 -1.66 -16.39 5.27
N PHE A 143 -1.33 -16.67 4.02
CA PHE A 143 -0.21 -16.05 3.33
C PHE A 143 -0.76 -15.08 2.30
N ALA A 144 -0.24 -13.86 2.30
CA ALA A 144 -0.68 -12.89 1.31
C ALA A 144 0.53 -12.24 0.65
N TRP A 145 0.46 -12.10 -0.66
CA TRP A 145 1.51 -11.40 -1.43
C TRP A 145 0.88 -10.27 -2.23
N GLN A 146 1.48 -9.08 -2.13
CA GLN A 146 1.09 -7.94 -2.92
C GLN A 146 2.30 -7.51 -3.75
N THR A 147 2.13 -7.44 -5.05
CA THR A 147 3.17 -6.99 -5.95
C THR A 147 2.76 -5.64 -6.56
N THR A 148 3.73 -4.75 -6.74
CA THR A 148 3.42 -3.39 -7.13
C THR A 148 4.43 -2.90 -8.16
N LEU A 149 3.91 -2.21 -9.16
CA LEU A 149 4.73 -1.54 -10.20
C LEU A 149 4.19 -0.12 -10.32
N TYR A 150 5.05 0.88 -10.13
CA TYR A 150 4.62 2.24 -10.43
C TYR A 150 5.64 2.97 -11.27
N SER A 151 5.13 3.87 -12.08
CA SER A 151 5.96 4.63 -13.02
C SER A 151 5.53 6.08 -13.05
N LYS A 152 6.48 6.95 -13.38
CA LYS A 152 6.24 8.38 -13.43
C LYS A 152 5.61 8.79 -14.72
N GLN A 153 4.62 9.68 -14.62
CA GLN A 153 4.02 10.24 -15.82
C GLN A 153 4.94 11.34 -16.40
N ASN A 154 5.56 12.13 -15.51
CA ASN A 154 6.29 13.33 -15.90
C ASN A 154 7.79 13.20 -15.60
N ASP A 155 8.56 14.29 -15.66
CA ASP A 155 10.02 14.19 -15.61
C ASP A 155 10.56 14.14 -14.19
N TYR A 156 10.26 13.04 -13.52
CA TYR A 156 10.71 12.77 -12.16
C TYR A 156 11.29 11.39 -12.07
N ARG A 157 11.92 11.09 -10.94
CA ARG A 157 12.48 9.78 -10.74
C ARG A 157 12.27 9.29 -9.32
N TYR A 158 12.31 7.97 -9.16
CA TYR A 158 12.38 7.35 -7.86
C TYR A 158 13.83 7.32 -7.39
N ALA A 159 13.99 7.00 -6.12
CA ALA A 159 15.29 6.99 -5.45
C ALA A 159 16.19 5.88 -5.99
N ASN A 160 15.66 5.05 -6.89
CA ASN A 160 16.46 4.02 -7.55
C ASN A 160 17.01 4.52 -8.90
N HIS A 161 16.88 5.82 -9.16
CA HIS A 161 17.36 6.47 -10.40
C HIS A 161 16.67 6.02 -11.67
N LYS A 162 15.45 5.51 -11.52
CA LYS A 162 14.61 5.15 -12.65
C LYS A 162 13.27 5.89 -12.53
N LYS A 163 12.54 5.90 -13.65
CA LYS A 163 11.19 6.44 -13.72
C LYS A 163 10.15 5.38 -13.33
N TRP A 164 10.60 4.28 -12.77
CA TRP A 164 9.70 3.21 -12.32
C TRP A 164 10.36 2.46 -11.21
N ALA A 165 9.53 1.76 -10.43
CA ALA A 165 10.05 0.93 -9.37
C ALA A 165 8.97 -0.07 -8.97
N THR A 166 9.40 -0.99 -8.13
CA THR A 166 8.55 -2.10 -7.68
C THR A 166 8.51 -2.17 -6.16
N GLU A 167 7.46 -2.83 -5.65
CA GLU A 167 7.45 -3.27 -4.28
C GLU A 167 6.87 -4.67 -4.27
N ASN A 168 7.36 -5.47 -3.34
CA ASN A 168 6.79 -6.77 -3.08
C ASN A 168 6.66 -6.95 -1.59
N ALA A 169 5.40 -7.20 -1.16
CA ALA A 169 5.07 -7.37 0.24
C ALA A 169 4.58 -8.81 0.47
N PHE A 170 5.16 -9.47 1.47
CA PHE A 170 4.83 -10.85 1.84
C PHE A 170 4.39 -10.85 3.30
N VAL A 171 3.18 -11.33 3.54
CA VAL A 171 2.58 -11.23 4.86
C VAL A 171 2.16 -12.64 5.30
N LEU A 172 2.57 -13.02 6.51
CA LEU A 172 2.09 -14.25 7.12
C LEU A 172 1.25 -13.85 8.31
N GLN A 173 -0.04 -14.18 8.23
CA GLN A 173 -0.99 -13.88 9.29
C GLN A 173 -1.23 -15.16 10.08
N TYR A 174 -1.27 -15.01 11.39
CA TYR A 174 -1.56 -16.09 12.31
C TYR A 174 -2.93 -15.80 12.94
N HIS A 175 -3.91 -16.65 12.68
CA HIS A 175 -5.25 -16.46 13.23
C HIS A 175 -5.31 -17.04 14.66
N MET A 176 -4.73 -16.28 15.59
CA MET A 176 -4.65 -16.68 16.99
C MET A 176 -6.08 -16.81 17.52
N THR A 177 -6.87 -15.77 17.25
CA THR A 177 -8.28 -15.68 17.60
C THR A 177 -9.06 -15.37 16.33
N PRO A 178 -10.39 -15.61 16.31
CA PRO A 178 -11.18 -15.11 15.18
C PRO A 178 -11.18 -13.59 15.04
N ASP A 179 -10.85 -12.87 16.10
CA ASP A 179 -10.77 -11.41 16.04
C ASP A 179 -9.40 -10.81 16.47
N ILE A 180 -8.36 -11.64 16.62
CA ILE A 180 -6.98 -11.17 16.83
C ILE A 180 -6.03 -11.92 15.88
N THR A 181 -5.40 -11.17 14.98
CA THR A 181 -4.57 -11.77 13.96
C THR A 181 -3.20 -11.11 13.94
N PRO A 182 -2.24 -11.62 14.74
CA PRO A 182 -0.85 -11.16 14.61
C PRO A 182 -0.30 -11.52 13.25
N TYR A 183 0.62 -10.71 12.73
CA TYR A 183 1.28 -11.04 11.48
C TYR A 183 2.72 -10.56 11.42
N ILE A 184 3.49 -11.20 10.57
CA ILE A 184 4.83 -10.73 10.24
C ILE A 184 4.87 -10.49 8.74
N GLU A 185 5.79 -9.65 8.31
CA GLU A 185 5.81 -9.19 6.94
C GLU A 185 7.22 -8.85 6.52
N TYR A 186 7.57 -9.27 5.31
CA TYR A 186 8.80 -8.83 4.68
C TYR A 186 8.44 -8.13 3.36
N ASP A 187 9.01 -6.95 3.16
CA ASP A 187 8.86 -6.25 1.89
C ASP A 187 10.24 -5.97 1.30
N TYR A 188 10.30 -6.04 -0.02
CA TYR A 188 11.42 -5.50 -0.75
C TYR A 188 10.91 -4.32 -1.57
N LEU A 189 11.42 -3.13 -1.25
CA LEU A 189 10.90 -1.90 -1.85
C LEU A 189 11.85 -1.32 -2.93
N ASP A 190 12.54 -2.20 -3.63
CA ASP A 190 13.44 -1.83 -4.74
C ASP A 190 14.62 -1.05 -4.11
N ARG A 191 15.45 -0.43 -4.93
CA ARG A 191 16.56 0.36 -4.39
C ARG A 191 16.09 1.78 -4.11
N GLN A 192 15.17 1.93 -3.15
CA GLN A 192 14.52 3.20 -2.87
C GLN A 192 14.86 3.75 -1.48
N GLY A 193 15.84 3.12 -0.83
CA GLY A 193 16.28 3.59 0.45
C GLY A 193 17.05 4.89 0.25
N VAL A 194 16.88 5.81 1.20
CA VAL A 194 17.57 7.09 1.22
C VAL A 194 18.10 7.27 2.64
N TYR A 195 19.41 7.47 2.74
CA TYR A 195 20.08 7.66 4.02
C TYR A 195 21.00 8.87 3.89
N ASN A 196 20.69 9.95 4.60
CA ASN A 196 21.52 11.17 4.59
C ASN A 196 21.73 11.75 3.22
N GLY A 197 20.66 11.94 2.47
CA GLY A 197 20.76 12.45 1.09
C GLY A 197 21.29 11.46 0.06
N ARG A 198 21.83 10.32 0.52
CA ARG A 198 22.34 9.29 -0.39
C ARG A 198 21.20 8.31 -0.70
N ASP A 199 20.87 8.16 -1.99
CA ASP A 199 19.75 7.28 -2.37
C ASP A 199 20.24 6.01 -3.06
N ASN A 200 19.34 5.30 -3.73
CA ASN A 200 19.73 4.08 -4.49
C ASN A 200 20.23 2.97 -3.57
N LEU A 201 19.69 2.92 -2.36
CA LEU A 201 20.02 1.88 -1.42
C LEU A 201 18.94 0.79 -1.44
N SER A 202 19.38 -0.45 -1.32
CA SER A 202 18.47 -1.60 -1.19
C SER A 202 17.55 -1.39 0.03
N GLU A 203 16.24 -1.51 -0.18
CA GLU A 203 15.29 -1.21 0.87
C GLU A 203 14.51 -2.47 1.25
N ASN A 204 15.11 -3.26 2.13
CA ASN A 204 14.40 -4.34 2.80
C ASN A 204 13.55 -3.73 3.92
N SER A 205 12.38 -4.30 4.13
CA SER A 205 11.44 -3.79 5.10
C SER A 205 10.97 -5.00 5.90
N TYR A 206 11.08 -4.89 7.21
CA TYR A 206 10.70 -5.95 8.13
C TYR A 206 9.65 -5.41 9.06
N ARG A 207 8.53 -6.09 9.10
CA ARG A 207 7.37 -5.56 9.78
C ARG A 207 6.69 -6.60 10.63
N ILE A 208 6.12 -6.12 11.73
CA ILE A 208 5.31 -6.95 12.59
C ILE A 208 4.08 -6.15 12.99
N GLY A 209 2.95 -6.84 13.03
CA GLY A 209 1.70 -6.18 13.37
C GLY A 209 0.63 -7.13 13.85
N VAL A 210 -0.52 -6.55 14.15
CA VAL A 210 -1.67 -7.32 14.59
C VAL A 210 -2.94 -6.58 14.21
N SER A 211 -3.93 -7.34 13.75
CA SER A 211 -5.21 -6.79 13.38
C SER A 211 -6.25 -7.32 14.36
N PHE A 212 -7.11 -6.43 14.82
CA PHE A 212 -8.19 -6.74 15.75
C PHE A 212 -9.55 -6.50 15.13
N LYS A 213 -10.37 -7.55 15.05
CA LYS A 213 -11.77 -7.42 14.60
C LYS A 213 -12.65 -7.05 15.75
N LEU A 214 -13.85 -6.56 15.45
CA LEU A 214 -14.83 -6.25 16.51
C LEU A 214 -15.38 -7.56 17.12
#